data_2Y3M
#
_entry.id   2Y3M
#
_cell.length_a   119.610
_cell.length_b   119.610
_cell.length_c   51.280
_cell.angle_alpha   90.00
_cell.angle_beta   90.00
_cell.angle_gamma   120.00
#
_symmetry.space_group_name_H-M   'P 62'
#
loop_
_entity.id
_entity.type
_entity.pdbx_description
1 polymer 'PROTEIN TRANSPORT PROTEIN HOFQ'
2 non-polymer GLYCEROL
3 non-polymer 'FORMIC ACID'
4 water water
#
_entity_poly.entity_id   1
_entity_poly.type   'polypeptide(L)'
_entity_poly.pdbx_seq_one_letter_code
;IHMQNPVFSIRLKQAPLVPTLQQLALAHNTNLIIDDELQGTVSLQLENVDLDQLFRSVAKIKQLDLWQENGIYYFTKGDT
NTKFAGKMEEPFPLSLPMAEEPAQLNTATIKLHFAKASEVMKSLTGGSGSLLSPNGSITFDDRSNLLLIQDEPRSVRNIK
KLIKELDKPIEQLEY
;
_entity_poly.pdbx_strand_id   A,B
#
loop_
_chem_comp.id
_chem_comp.type
_chem_comp.name
_chem_comp.formula
FMT non-polymer 'FORMIC ACID' 'C H2 O2'
GOL non-polymer GLYCEROL 'C3 H8 O3'
#
# COMPACT_ATOMS: atom_id res chain seq x y z
N GLN A 4 -7.61 28.22 15.44
CA GLN A 4 -8.33 29.40 14.88
C GLN A 4 -8.21 29.48 13.35
N ASN A 5 -8.13 28.32 12.70
CA ASN A 5 -7.96 28.24 11.24
C ASN A 5 -8.51 26.93 10.68
N PRO A 6 -9.53 27.01 9.80
CA PRO A 6 -10.28 25.84 9.35
C PRO A 6 -9.48 24.88 8.46
N VAL A 7 -9.63 23.58 8.72
CA VAL A 7 -8.92 22.54 7.97
C VAL A 7 -9.86 21.47 7.47
N PHE A 8 -9.53 20.89 6.31
CA PHE A 8 -10.12 19.64 5.88
C PHE A 8 -9.29 18.49 6.43
N SER A 9 -9.98 17.48 6.95
CA SER A 9 -9.33 16.36 7.62
C SER A 9 -9.82 15.03 7.08
N ILE A 10 -8.92 14.06 7.01
CA ILE A 10 -9.26 12.70 6.59
C ILE A 10 -8.44 11.69 7.40
N ARG A 11 -9.10 10.63 7.85
CA ARG A 11 -8.42 9.57 8.56
C ARG A 11 -8.22 8.38 7.62
N LEU A 12 -6.98 7.89 7.54
CA LEU A 12 -6.68 6.69 6.78
C LEU A 12 -6.33 5.57 7.74
N LYS A 13 -7.10 4.48 7.69
CA LYS A 13 -6.92 3.35 8.56
C LYS A 13 -6.42 2.20 7.70
N GLN A 14 -5.31 1.59 8.11
CA GLN A 14 -4.75 0.48 7.35
C GLN A 14 -5.62 -0.75 7.55
N ALA A 15 -6.01 -1.36 6.44
CA ALA A 15 -6.93 -2.50 6.43
C ALA A 15 -6.34 -3.73 7.14
N PRO A 16 -7.20 -4.54 7.78
CA PRO A 16 -6.75 -5.81 8.36
C PRO A 16 -6.05 -6.66 7.31
N LEU A 17 -4.80 -7.02 7.57
CA LEU A 17 -3.96 -7.67 6.58
C LEU A 17 -4.48 -9.05 6.16
N VAL A 18 -4.77 -9.90 7.14
CA VAL A 18 -5.21 -11.28 6.87
C VAL A 18 -6.47 -11.35 6.01
N PRO A 19 -7.56 -10.64 6.39
CA PRO A 19 -8.76 -10.68 5.53
C PRO A 19 -8.53 -10.10 4.13
N THR A 20 -7.78 -9.00 4.05
CA THR A 20 -7.46 -8.34 2.80
C THR A 20 -6.72 -9.27 1.84
N LEU A 21 -5.68 -9.93 2.35
CA LEU A 21 -4.85 -10.82 1.55
C LEU A 21 -5.62 -12.06 1.11
N GLN A 22 -6.50 -12.56 1.98
CA GLN A 22 -7.35 -13.70 1.68
C GLN A 22 -8.33 -13.39 0.54
N GLN A 23 -8.79 -12.15 0.48
CA GLN A 23 -9.74 -11.73 -0.54
C GLN A 23 -9.05 -11.38 -1.86
N LEU A 24 -7.75 -11.11 -1.78
CA LEU A 24 -6.95 -10.81 -2.96
C LEU A 24 -6.84 -12.05 -3.85
N ALA A 25 -7.12 -11.87 -5.15
CA ALA A 25 -7.14 -12.98 -6.08
C ALA A 25 -5.74 -13.42 -6.49
N LEU A 26 -4.99 -13.95 -5.54
CA LEU A 26 -3.68 -14.53 -5.83
C LEU A 26 -3.88 -15.91 -6.43
N ALA A 27 -2.90 -16.33 -7.22
CA ALA A 27 -2.86 -17.69 -7.74
C ALA A 27 -2.94 -18.66 -6.56
N HIS A 28 -3.78 -19.69 -6.66
CA HIS A 28 -3.97 -20.61 -5.55
C HIS A 28 -2.73 -21.46 -5.29
N ASN A 29 -1.82 -21.46 -6.26
CA ASN A 29 -0.53 -22.13 -6.13
C ASN A 29 0.47 -21.34 -5.30
N THR A 30 0.16 -20.09 -5.02
CA THR A 30 1.01 -19.28 -4.15
C THR A 30 0.68 -19.56 -2.69
N ASN A 31 1.62 -20.19 -2.00
CA ASN A 31 1.50 -20.39 -0.57
C ASN A 31 1.93 -19.10 0.15
N LEU A 32 1.03 -18.56 0.97
CA LEU A 32 1.29 -17.33 1.71
C LEU A 32 1.38 -17.60 3.22
N ILE A 33 2.52 -17.27 3.81
CA ILE A 33 2.74 -17.43 5.25
C ILE A 33 3.01 -16.08 5.91
N ILE A 34 2.32 -15.80 7.01
CA ILE A 34 2.47 -14.54 7.72
C ILE A 34 3.30 -14.72 9.00
N ASP A 35 4.30 -13.87 9.17
CA ASP A 35 5.07 -13.80 10.42
C ASP A 35 4.59 -12.62 11.25
N THR A 41 6.38 -5.63 13.73
CA THR A 41 6.04 -5.48 12.31
C THR A 41 5.71 -6.85 11.69
N VAL A 42 5.30 -6.84 10.42
CA VAL A 42 4.86 -8.05 9.74
C VAL A 42 5.72 -8.40 8.52
N SER A 43 5.89 -9.70 8.31
CA SER A 43 6.52 -10.25 7.11
C SER A 43 5.60 -11.25 6.42
N LEU A 44 5.66 -11.28 5.09
CA LEU A 44 4.92 -12.26 4.30
C LEU A 44 5.91 -13.15 3.55
N GLN A 45 5.72 -14.45 3.64
CA GLN A 45 6.54 -15.38 2.88
C GLN A 45 5.68 -16.01 1.79
N LEU A 46 6.12 -15.87 0.54
CA LEU A 46 5.39 -16.37 -0.61
C LEU A 46 6.14 -17.50 -1.28
N GLU A 47 5.41 -18.57 -1.63
CA GLU A 47 6.00 -19.72 -2.30
C GLU A 47 5.19 -20.14 -3.51
N ASN A 48 5.90 -20.48 -4.58
CA ASN A 48 5.30 -20.99 -5.80
C ASN A 48 6.33 -21.77 -6.61
N VAL A 49 5.88 -22.86 -7.23
CA VAL A 49 6.71 -23.66 -8.14
C VAL A 49 7.17 -22.85 -9.37
N ASP A 50 6.40 -21.83 -9.74
CA ASP A 50 6.63 -21.08 -10.96
C ASP A 50 7.10 -19.65 -10.66
N LEU A 51 8.32 -19.33 -11.07
CA LEU A 51 8.90 -18.02 -10.80
C LEU A 51 8.04 -16.86 -11.31
N ASP A 52 7.55 -16.97 -12.55
CA ASP A 52 6.69 -15.93 -13.16
C ASP A 52 5.43 -15.71 -12.33
N GLN A 53 4.77 -16.79 -11.93
CA GLN A 53 3.64 -16.70 -11.02
C GLN A 53 4.02 -16.04 -9.69
N LEU A 54 5.15 -16.42 -9.12
CA LEU A 54 5.60 -15.83 -7.87
C LEU A 54 5.76 -14.32 -8.02
N PHE A 55 6.36 -13.87 -9.12
CA PHE A 55 6.48 -12.44 -9.40
C PHE A 55 5.12 -11.75 -9.52
N ARG A 56 4.17 -12.42 -10.17
CA ARG A 56 2.82 -11.87 -10.34
C ARG A 56 2.07 -11.76 -9.01
N SER A 57 2.28 -12.72 -8.12
CA SER A 57 1.75 -12.66 -6.75
C SER A 57 2.36 -11.48 -5.99
N VAL A 58 3.68 -11.33 -6.07
CA VAL A 58 4.38 -10.19 -5.47
C VAL A 58 3.80 -8.86 -5.97
N ALA A 59 3.62 -8.77 -7.28
CA ALA A 59 3.09 -7.57 -7.91
C ALA A 59 1.67 -7.25 -7.42
N LYS A 60 0.86 -8.30 -7.21
CA LYS A 60 -0.51 -8.12 -6.72
C LYS A 60 -0.58 -7.58 -5.30
N ILE A 61 0.32 -8.04 -4.43
CA ILE A 61 0.42 -7.52 -3.08
C ILE A 61 0.90 -6.06 -3.08
N LYS A 62 1.86 -5.75 -3.95
CA LYS A 62 2.39 -4.40 -4.04
C LYS A 62 1.37 -3.39 -4.58
N GLN A 63 0.57 -3.82 -5.57
CA GLN A 63 -0.48 -2.99 -6.16
C GLN A 63 -1.67 -2.81 -5.22
N LEU A 64 -1.65 -3.55 -4.10
CA LEU A 64 -2.76 -3.58 -3.17
C LEU A 64 -2.85 -2.29 -2.38
N ASP A 65 -4.02 -1.64 -2.44
CA ASP A 65 -4.27 -0.42 -1.68
C ASP A 65 -4.86 -0.79 -0.32
N LEU A 66 -4.05 -0.66 0.72
CA LEU A 66 -4.42 -1.08 2.07
C LEU A 66 -5.12 0.00 2.89
N TRP A 67 -5.24 1.20 2.34
CA TRP A 67 -5.77 2.33 3.11
C TRP A 67 -7.27 2.55 2.93
N GLN A 68 -8.02 2.37 4.02
CA GLN A 68 -9.44 2.68 4.05
C GLN A 68 -9.69 4.15 4.42
N GLU A 69 -10.46 4.86 3.60
CA GLU A 69 -10.87 6.25 3.86
C GLU A 69 -12.16 6.29 4.68
N ASN A 70 -12.27 7.28 5.55
CA ASN A 70 -13.36 7.39 6.52
C ASN A 70 -14.22 8.67 6.48
N GLY A 71 -14.46 9.24 5.31
CA GLY A 71 -15.23 10.49 5.20
C GLY A 71 -14.36 11.69 5.55
N ILE A 72 -14.76 12.87 5.06
CA ILE A 72 -13.96 14.09 5.27
C ILE A 72 -14.58 15.05 6.29
N TYR A 73 -13.78 15.40 7.29
CA TYR A 73 -14.20 16.27 8.38
C TYR A 73 -13.67 17.69 8.11
N TYR A 74 -14.54 18.69 8.22
CA TYR A 74 -14.13 20.08 8.06
C TYR A 74 -14.47 20.84 9.34
N PHE A 75 -13.44 21.33 10.02
CA PHE A 75 -13.59 21.88 11.37
C PHE A 75 -12.50 22.88 11.68
N THR A 76 -12.58 23.47 12.87
CA THR A 76 -11.58 24.43 13.34
C THR A 76 -10.75 23.85 14.48
N LYS A 77 -9.42 23.88 14.30
CA LYS A 77 -8.47 23.41 15.30
C LYS A 77 -8.46 24.32 16.53
N ALA A 103 -24.28 27.90 23.34
CA ALA A 103 -23.74 26.56 23.59
C ALA A 103 -24.45 25.48 22.77
N GLN A 104 -25.73 25.70 22.47
CA GLN A 104 -26.55 24.72 21.76
C GLN A 104 -26.17 24.59 20.29
N LEU A 105 -25.98 23.34 19.86
CA LEU A 105 -25.61 23.02 18.48
C LEU A 105 -26.69 22.18 17.81
N ASN A 106 -27.04 22.54 16.58
CA ASN A 106 -27.98 21.75 15.78
C ASN A 106 -27.28 20.94 14.69
N THR A 107 -27.96 19.90 14.22
CA THR A 107 -27.41 19.01 13.20
C THR A 107 -28.40 18.81 12.06
N ALA A 108 -27.88 18.89 10.84
CA ALA A 108 -28.68 18.65 9.65
C ALA A 108 -27.89 17.76 8.70
N THR A 109 -28.59 16.88 7.99
CA THR A 109 -27.96 16.02 7.01
C THR A 109 -28.63 16.25 5.66
N ILE A 110 -27.82 16.53 4.64
CA ILE A 110 -28.32 16.79 3.31
C ILE A 110 -27.78 15.76 2.32
N LYS A 111 -28.67 15.20 1.53
CA LYS A 111 -28.30 14.31 0.43
C LYS A 111 -28.33 15.12 -0.86
N LEU A 112 -27.18 15.22 -1.53
CA LEU A 112 -27.11 15.89 -2.84
C LEU A 112 -27.56 14.96 -3.95
N HIS A 113 -28.33 15.51 -4.88
CA HIS A 113 -28.92 14.73 -5.97
C HIS A 113 -28.26 15.05 -7.30
N PHE A 114 -27.47 16.12 -7.32
CA PHE A 114 -26.81 16.56 -8.54
C PHE A 114 -25.32 16.81 -8.36
N ALA A 115 -24.99 17.80 -7.52
CA ALA A 115 -23.62 18.24 -7.35
C ALA A 115 -22.79 17.27 -6.49
N LYS A 116 -21.47 17.36 -6.61
CA LYS A 116 -20.57 16.57 -5.77
C LYS A 116 -20.32 17.31 -4.46
N ALA A 117 -20.28 16.55 -3.36
CA ALA A 117 -20.07 17.12 -2.03
C ALA A 117 -18.82 18.01 -1.96
N SER A 118 -17.72 17.53 -2.54
CA SER A 118 -16.45 18.25 -2.51
C SER A 118 -16.50 19.53 -3.34
N GLU A 119 -17.20 19.51 -4.46
CA GLU A 119 -17.41 20.74 -5.25
C GLU A 119 -18.24 21.75 -4.44
N VAL A 120 -19.33 21.28 -3.82
CA VAL A 120 -20.13 22.14 -2.95
C VAL A 120 -19.29 22.71 -1.82
N MET A 121 -18.46 21.87 -1.19
CA MET A 121 -17.59 22.33 -0.09
C MET A 121 -16.54 23.36 -0.52
N LYS A 122 -15.97 23.22 -1.71
CA LYS A 122 -15.01 24.21 -2.24
C LYS A 122 -15.72 25.55 -2.47
N SER A 123 -16.95 25.46 -2.96
CA SER A 123 -17.78 26.63 -3.18
C SER A 123 -18.12 27.32 -1.86
N LEU A 124 -18.58 26.54 -0.88
CA LEU A 124 -18.96 27.07 0.44
C LEU A 124 -17.80 27.71 1.19
N THR A 125 -16.60 27.15 1.03
CA THR A 125 -15.43 27.54 1.82
C THR A 125 -14.43 28.43 1.06
N GLY A 126 -14.78 28.83 -0.16
CA GLY A 126 -13.95 29.78 -0.92
C GLY A 126 -13.77 31.11 -0.21
N GLY A 127 -12.55 31.64 -0.22
CA GLY A 127 -12.26 32.93 0.40
C GLY A 127 -11.80 32.87 1.85
N SER A 128 -11.33 34.01 2.35
CA SER A 128 -10.69 34.13 3.67
C SER A 128 -11.62 33.97 4.88
N GLY A 129 -12.86 34.45 4.77
CA GLY A 129 -13.80 34.39 5.88
C GLY A 129 -14.15 32.96 6.26
N SER A 130 -14.60 32.76 7.49
CA SER A 130 -15.02 31.45 7.96
C SER A 130 -16.46 31.14 7.54
N LEU A 131 -16.71 29.89 7.18
CA LEU A 131 -18.06 29.45 6.86
C LEU A 131 -18.83 29.18 8.14
N LEU A 132 -18.18 28.48 9.08
CA LEU A 132 -18.79 28.06 10.33
C LEU A 132 -18.24 28.86 11.50
N SER A 133 -18.99 28.90 12.59
CA SER A 133 -18.49 29.43 13.87
C SER A 133 -17.35 28.53 14.38
N PRO A 134 -16.59 29.00 15.38
CA PRO A 134 -15.49 28.20 15.93
C PRO A 134 -15.88 26.77 16.33
N ASN A 135 -17.16 26.56 16.65
CA ASN A 135 -17.63 25.26 17.13
C ASN A 135 -18.28 24.39 16.06
N GLY A 136 -18.42 24.94 14.86
CA GLY A 136 -19.07 24.24 13.77
C GLY A 136 -18.20 23.19 13.09
N SER A 137 -18.86 22.25 12.41
CA SER A 137 -18.14 21.25 11.64
C SER A 137 -19.02 20.70 10.54
N ILE A 138 -18.38 20.23 9.48
CA ILE A 138 -19.08 19.50 8.42
C ILE A 138 -18.36 18.20 8.11
N THR A 139 -19.13 17.13 8.06
CA THR A 139 -18.65 15.84 7.59
C THR A 139 -19.26 15.60 6.21
N PHE A 140 -18.42 15.34 5.22
CA PHE A 140 -18.91 15.12 3.87
C PHE A 140 -18.22 13.97 3.15
N ASP A 141 -18.88 13.49 2.10
CA ASP A 141 -18.47 12.27 1.42
C ASP A 141 -18.87 12.33 -0.04
N ASP A 142 -17.89 12.24 -0.93
CA ASP A 142 -18.15 12.22 -2.38
C ASP A 142 -18.75 10.90 -2.88
N ARG A 143 -18.62 9.84 -2.10
CA ARG A 143 -19.16 8.56 -2.48
C ARG A 143 -20.68 8.56 -2.27
N SER A 144 -21.11 8.79 -1.04
CA SER A 144 -22.54 8.88 -0.72
C SER A 144 -23.17 10.24 -1.07
N ASN A 145 -22.32 11.24 -1.32
CA ASN A 145 -22.74 12.64 -1.55
C ASN A 145 -23.60 13.21 -0.41
N LEU A 146 -23.21 12.85 0.81
CA LEU A 146 -23.93 13.19 2.01
C LEU A 146 -23.13 14.27 2.71
N LEU A 147 -23.83 15.30 3.17
CA LEU A 147 -23.21 16.35 3.99
C LEU A 147 -23.93 16.45 5.32
N LEU A 148 -23.14 16.43 6.39
CA LEU A 148 -23.65 16.51 7.75
C LEU A 148 -23.04 17.75 8.38
N ILE A 149 -23.88 18.74 8.65
CA ILE A 149 -23.43 19.98 9.27
C ILE A 149 -23.90 20.10 10.73
N GLN A 150 -22.97 20.49 11.59
CA GLN A 150 -23.23 20.73 13.01
C GLN A 150 -22.69 22.10 13.42
N ASP A 151 -23.58 23.00 13.82
CA ASP A 151 -23.20 24.36 14.21
C ASP A 151 -24.39 25.03 14.90
N GLU A 152 -24.20 26.27 15.34
CA GLU A 152 -25.25 27.04 15.99
C GLU A 152 -26.46 27.15 15.03
N PRO A 153 -27.69 27.21 15.59
CA PRO A 153 -28.95 27.10 14.81
C PRO A 153 -29.02 27.93 13.53
N ARG A 154 -28.69 29.22 13.60
CA ARG A 154 -28.80 30.11 12.44
C ARG A 154 -27.78 29.77 11.34
N SER A 155 -26.55 29.50 11.75
CA SER A 155 -25.50 29.02 10.84
C SER A 155 -25.94 27.77 10.08
N VAL A 156 -26.44 26.78 10.81
CA VAL A 156 -27.01 25.56 10.23
C VAL A 156 -28.15 25.85 9.24
N ARG A 157 -29.07 26.73 9.64
CA ARG A 157 -30.20 27.10 8.79
C ARG A 157 -29.72 27.68 7.43
N ASN A 158 -28.87 28.71 7.49
CA ASN A 158 -28.45 29.43 6.28
C ASN A 158 -27.52 28.62 5.36
N ILE A 159 -26.66 27.79 5.95
CA ILE A 159 -25.76 26.93 5.18
C ILE A 159 -26.53 25.81 4.47
N LYS A 160 -27.53 25.26 5.15
CA LYS A 160 -28.42 24.25 4.59
C LYS A 160 -29.13 24.80 3.34
N LYS A 161 -29.65 26.03 3.44
CA LYS A 161 -30.24 26.74 2.31
C LYS A 161 -29.22 26.95 1.18
N LEU A 162 -27.99 27.28 1.57
CA LEU A 162 -26.92 27.55 0.62
C LEU A 162 -26.55 26.28 -0.14
N ILE A 163 -26.33 25.20 0.60
CA ILE A 163 -26.09 23.88 0.02
C ILE A 163 -27.21 23.49 -0.96
N LYS A 164 -28.45 23.83 -0.61
CA LYS A 164 -29.62 23.47 -1.42
C LYS A 164 -29.64 24.15 -2.78
N GLU A 165 -29.28 25.44 -2.83
CA GLU A 165 -29.21 26.19 -4.08
C GLU A 165 -28.04 25.74 -4.96
N LEU A 166 -27.04 25.13 -4.35
CA LEU A 166 -25.87 24.62 -5.07
C LEU A 166 -26.09 23.22 -5.63
N ASP A 167 -27.14 22.54 -5.17
CA ASP A 167 -27.43 21.19 -5.65
C ASP A 167 -28.03 21.23 -7.07
N LYS A 168 -27.14 21.40 -8.05
CA LYS A 168 -27.48 21.38 -9.48
C LYS A 168 -26.21 21.48 -10.34
N ASN B 5 8.83 -31.63 -4.14
CA ASN B 5 8.51 -30.61 -5.17
C ASN B 5 9.15 -29.23 -4.88
N PRO B 6 10.14 -28.83 -5.68
CA PRO B 6 10.89 -27.58 -5.47
C PRO B 6 10.08 -26.30 -5.71
N VAL B 7 10.29 -25.32 -4.84
CA VAL B 7 9.55 -24.05 -4.88
C VAL B 7 10.47 -22.84 -4.87
N PHE B 8 10.00 -21.76 -5.49
CA PHE B 8 10.61 -20.44 -5.33
C PHE B 8 9.96 -19.78 -4.12
N SER B 9 10.76 -19.01 -3.39
CA SER B 9 10.31 -18.40 -2.15
C SER B 9 10.83 -16.98 -2.06
N ILE B 10 9.96 -16.06 -1.66
CA ILE B 10 10.36 -14.68 -1.45
C ILE B 10 9.69 -14.06 -0.22
N ARG B 11 10.48 -13.34 0.56
CA ARG B 11 9.99 -12.68 1.76
C ARG B 11 9.71 -11.21 1.47
N LEU B 12 8.51 -10.77 1.82
CA LEU B 12 8.13 -9.36 1.74
C LEU B 12 8.06 -8.78 3.15
N LYS B 13 8.92 -7.79 3.41
CA LYS B 13 8.92 -7.09 4.70
C LYS B 13 8.22 -5.75 4.53
N GLN B 14 7.47 -5.33 5.56
CA GLN B 14 6.83 -4.01 5.52
C GLN B 14 7.85 -2.90 5.73
N ALA B 15 7.88 -1.97 4.78
CA ALA B 15 8.82 -0.85 4.80
C ALA B 15 8.56 0.11 5.97
N PRO B 16 9.62 0.79 6.46
CA PRO B 16 9.43 1.81 7.51
C PRO B 16 8.58 2.97 7.01
N LEU B 17 7.52 3.27 7.74
CA LEU B 17 6.51 4.23 7.29
C LEU B 17 6.80 5.69 7.73
N VAL B 18 7.19 5.85 8.99
CA VAL B 18 7.22 7.17 9.64
C VAL B 18 7.86 8.34 8.86
N PRO B 19 9.16 8.23 8.47
CA PRO B 19 9.84 9.41 7.91
C PRO B 19 9.29 9.85 6.54
N THR B 20 9.09 8.89 5.65
CA THR B 20 8.56 9.12 4.30
C THR B 20 7.16 9.74 4.33
N LEU B 21 6.34 9.31 5.29
CA LEU B 21 4.99 9.85 5.46
C LEU B 21 4.97 11.31 5.87
N GLN B 22 5.87 11.69 6.78
CA GLN B 22 5.97 13.07 7.26
C GLN B 22 6.54 13.99 6.20
N GLN B 23 7.51 13.47 5.44
CA GLN B 23 8.12 14.20 4.33
C GLN B 23 7.09 14.55 3.24
N LEU B 24 6.30 13.56 2.81
CA LEU B 24 5.28 13.78 1.78
C LEU B 24 4.03 14.49 2.31
N ALA B 25 3.94 14.63 3.62
CA ALA B 25 2.90 15.45 4.25
C ALA B 25 3.31 16.92 4.26
N LEU B 26 4.57 17.17 4.63
CA LEU B 26 5.11 18.53 4.66
C LEU B 26 5.10 19.19 3.29
N ALA B 27 5.36 18.40 2.25
CA ALA B 27 5.48 18.91 0.87
C ALA B 27 4.17 19.49 0.33
N HIS B 28 3.04 19.00 0.81
CA HIS B 28 1.75 19.56 0.41
C HIS B 28 1.15 20.45 1.52
N ASN B 29 1.98 20.80 2.51
CA ASN B 29 1.53 21.58 3.66
C ASN B 29 0.40 20.87 4.41
N THR B 30 0.55 19.56 4.54
CA THR B 30 -0.44 18.71 5.18
C THR B 30 0.07 18.30 6.56
N ASN B 31 -0.75 18.55 7.58
CA ASN B 31 -0.46 18.04 8.92
C ASN B 31 -0.74 16.53 9.00
N LEU B 32 0.15 15.80 9.65
CA LEU B 32 0.03 14.34 9.78
C LEU B 32 0.05 13.87 11.23
N ILE B 33 -1.00 13.18 11.65
CA ILE B 33 -1.01 12.51 12.95
C ILE B 33 -0.98 11.00 12.71
N ILE B 34 0.14 10.38 13.08
CA ILE B 34 0.26 8.94 13.07
C ILE B 34 -0.25 8.41 14.42
N ASP B 35 -1.29 7.58 14.34
CA ASP B 35 -1.86 6.91 15.50
C ASP B 35 -1.50 5.43 15.44
N ASP B 36 -0.56 5.03 16.30
CA ASP B 36 0.02 3.70 16.28
C ASP B 36 -0.41 2.92 17.51
N GLU B 37 -1.39 2.03 17.33
CA GLU B 37 -1.89 1.20 18.42
C GLU B 37 -1.08 -0.09 18.54
N LEU B 38 -0.56 -0.35 19.74
CA LEU B 38 0.22 -1.55 20.03
C LEU B 38 -0.55 -2.82 19.68
N GLN B 39 -1.70 -3.01 20.34
CA GLN B 39 -2.55 -4.18 20.12
C GLN B 39 -3.63 -3.95 19.07
N GLY B 40 -3.31 -3.13 18.07
CA GLY B 40 -4.23 -2.81 16.98
C GLY B 40 -3.51 -2.48 15.68
N THR B 41 -3.89 -1.37 15.06
CA THR B 41 -3.38 -1.02 13.73
C THR B 41 -2.81 0.41 13.67
N VAL B 42 -2.25 0.79 12.52
CA VAL B 42 -1.76 2.15 12.32
C VAL B 42 -2.81 2.99 11.58
N SER B 43 -3.05 4.19 12.08
CA SER B 43 -3.97 5.14 11.45
C SER B 43 -3.26 6.46 11.16
N LEU B 44 -3.67 7.11 10.08
CA LEU B 44 -3.16 8.42 9.72
C LEU B 44 -4.29 9.42 9.71
N GLN B 45 -4.10 10.54 10.39
CA GLN B 45 -5.01 11.67 10.25
C GLN B 45 -4.31 12.76 9.47
N LEU B 46 -4.86 13.10 8.31
CA LEU B 46 -4.29 14.11 7.44
C LEU B 46 -5.11 15.39 7.49
N GLU B 47 -4.42 16.52 7.54
CA GLU B 47 -5.08 17.81 7.62
C GLU B 47 -4.50 18.79 6.62
N ASN B 48 -5.37 19.44 5.86
CA ASN B 48 -4.95 20.53 4.97
C ASN B 48 -6.02 21.61 4.87
N VAL B 49 -5.60 22.87 4.84
CA VAL B 49 -6.52 24.02 4.69
C VAL B 49 -7.22 24.01 3.32
N ASP B 50 -6.57 23.38 2.34
CA ASP B 50 -7.13 23.18 1.02
C ASP B 50 -7.59 21.74 0.84
N LEU B 51 -8.79 21.56 0.30
CA LEU B 51 -9.33 20.24 0.02
C LEU B 51 -8.58 19.49 -1.10
N ASP B 52 -8.26 20.18 -2.19
CA ASP B 52 -7.57 19.55 -3.32
C ASP B 52 -6.17 19.08 -2.92
N GLN B 53 -5.54 19.84 -2.03
CA GLN B 53 -4.22 19.52 -1.54
C GLN B 53 -4.26 18.32 -0.59
N LEU B 54 -5.35 18.21 0.18
CA LEU B 54 -5.60 17.04 1.01
C LEU B 54 -5.73 15.77 0.15
N PHE B 55 -6.54 15.84 -0.92
CA PHE B 55 -6.73 14.72 -1.84
C PHE B 55 -5.42 14.23 -2.45
N ARG B 56 -4.55 15.18 -2.80
CA ARG B 56 -3.25 14.87 -3.39
C ARG B 56 -2.35 14.17 -2.39
N SER B 57 -2.40 14.60 -1.13
CA SER B 57 -1.68 13.94 -0.04
C SER B 57 -2.15 12.51 0.10
N VAL B 58 -3.47 12.30 0.02
CA VAL B 58 -4.08 10.97 0.15
C VAL B 58 -3.61 10.07 -0.99
N ALA B 59 -3.75 10.58 -2.22
CA ALA B 59 -3.28 9.88 -3.42
C ALA B 59 -1.82 9.46 -3.31
N LYS B 60 -0.96 10.38 -2.86
CA LYS B 60 0.48 10.11 -2.75
C LYS B 60 0.77 9.01 -1.74
N ILE B 61 0.06 9.02 -0.61
CA ILE B 61 0.18 7.97 0.41
C ILE B 61 -0.28 6.62 -0.13
N LYS B 62 -1.36 6.63 -0.91
CA LYS B 62 -1.90 5.43 -1.55
C LYS B 62 -0.92 4.86 -2.59
N GLN B 63 -0.16 5.74 -3.24
CA GLN B 63 0.81 5.34 -4.26
C GLN B 63 2.09 4.72 -3.70
N LEU B 64 2.34 4.91 -2.40
CA LEU B 64 3.57 4.40 -1.76
C LEU B 64 3.62 2.89 -1.77
N ASP B 65 4.74 2.34 -2.24
CA ASP B 65 4.97 0.90 -2.14
C ASP B 65 5.38 0.55 -0.72
N LEU B 66 4.54 -0.26 -0.06
CA LEU B 66 4.72 -0.60 1.35
C LEU B 66 5.66 -1.79 1.61
N TRP B 67 6.10 -2.45 0.54
CA TRP B 67 6.82 -3.71 0.68
C TRP B 67 8.22 -3.70 0.11
N GLN B 68 9.19 -4.18 0.89
CA GLN B 68 10.52 -4.42 0.38
C GLN B 68 10.77 -5.91 0.27
N GLU B 69 11.44 -6.30 -0.82
CA GLU B 69 11.67 -7.71 -1.10
C GLU B 69 13.14 -8.07 -0.97
N ASN B 70 13.39 -9.18 -0.28
CA ASN B 70 14.70 -9.77 -0.18
C ASN B 70 14.92 -10.72 -1.36
N GLY B 71 16.09 -11.33 -1.46
CA GLY B 71 16.35 -12.26 -2.56
C GLY B 71 15.38 -13.41 -2.64
N ILE B 72 15.27 -14.01 -3.82
CA ILE B 72 14.43 -15.20 -4.01
C ILE B 72 15.20 -16.45 -3.57
N TYR B 73 14.50 -17.37 -2.93
CA TYR B 73 15.09 -18.59 -2.42
C TYR B 73 14.45 -19.78 -3.15
N TYR B 74 15.27 -20.65 -3.72
CA TYR B 74 14.79 -21.84 -4.44
C TYR B 74 15.29 -23.11 -3.77
N PHE B 75 14.34 -23.90 -3.25
CA PHE B 75 14.67 -25.07 -2.43
C PHE B 75 13.54 -26.09 -2.47
N THR B 76 13.80 -27.27 -1.92
CA THR B 76 12.78 -28.33 -1.80
C THR B 76 12.11 -28.27 -0.44
N LYS B 77 10.79 -28.12 -0.45
CA LYS B 77 9.98 -27.94 0.74
C LYS B 77 9.77 -29.26 1.49
N GLN B 104 28.27 -34.18 2.54
CA GLN B 104 29.01 -32.98 2.21
C GLN B 104 28.28 -32.14 1.16
N LEU B 105 28.05 -30.88 1.47
CA LEU B 105 27.50 -29.92 0.52
C LEU B 105 28.55 -28.88 0.17
N ASN B 106 28.66 -28.57 -1.13
CA ASN B 106 29.50 -27.48 -1.61
C ASN B 106 28.71 -26.21 -1.84
N THR B 107 29.39 -25.07 -1.79
CA THR B 107 28.78 -23.76 -1.99
C THR B 107 29.52 -22.97 -3.07
N ALA B 108 28.77 -22.24 -3.89
CA ALA B 108 29.36 -21.42 -4.95
C ALA B 108 28.56 -20.15 -5.20
N THR B 109 29.27 -19.03 -5.26
CA THR B 109 28.68 -17.76 -5.64
C THR B 109 28.97 -17.55 -7.11
N ILE B 110 27.92 -17.31 -7.88
CA ILE B 110 28.09 -17.01 -9.29
C ILE B 110 27.64 -15.59 -9.57
N LYS B 111 28.57 -14.79 -10.09
CA LYS B 111 28.31 -13.40 -10.41
C LYS B 111 28.03 -13.29 -11.90
N LEU B 112 26.82 -12.90 -12.25
CA LEU B 112 26.45 -12.83 -13.66
C LEU B 112 26.92 -11.53 -14.30
N HIS B 113 27.19 -11.59 -15.61
CA HIS B 113 27.73 -10.44 -16.34
C HIS B 113 26.82 -9.97 -17.48
N PHE B 114 25.99 -10.88 -17.99
CA PHE B 114 25.17 -10.57 -19.16
C PHE B 114 23.69 -10.93 -18.99
N ALA B 115 23.43 -12.06 -18.34
CA ALA B 115 22.06 -12.52 -18.11
C ALA B 115 21.50 -12.00 -16.78
N LYS B 116 20.17 -12.00 -16.67
CA LYS B 116 19.50 -11.79 -15.39
C LYS B 116 19.37 -13.12 -14.65
N ALA B 117 19.67 -13.10 -13.36
CA ALA B 117 19.58 -14.28 -12.49
C ALA B 117 18.24 -15.01 -12.61
N SER B 118 17.14 -14.25 -12.61
CA SER B 118 15.80 -14.81 -12.72
C SER B 118 15.55 -15.50 -14.06
N GLU B 119 16.09 -14.93 -15.14
CA GLU B 119 15.99 -15.54 -16.46
C GLU B 119 16.79 -16.85 -16.56
N VAL B 120 17.99 -16.84 -15.98
CA VAL B 120 18.82 -18.05 -15.89
C VAL B 120 18.06 -19.14 -15.13
N MET B 121 17.46 -18.77 -14.00
CA MET B 121 16.68 -19.68 -13.17
C MET B 121 15.46 -20.27 -13.90
N LYS B 122 14.80 -19.46 -14.73
CA LYS B 122 13.69 -19.96 -15.53
C LYS B 122 14.18 -20.99 -16.55
N SER B 123 15.31 -20.69 -17.18
CA SER B 123 15.95 -21.61 -18.13
C SER B 123 16.37 -22.90 -17.43
N LEU B 124 17.07 -22.78 -16.29
CA LEU B 124 17.54 -23.93 -15.53
C LEU B 124 16.43 -24.83 -14.99
N THR B 125 15.33 -24.22 -14.53
CA THR B 125 14.25 -24.97 -13.89
C THR B 125 13.15 -25.32 -14.88
N GLY B 126 13.19 -24.71 -16.07
CA GLY B 126 12.31 -25.07 -17.19
C GLY B 126 12.62 -26.46 -17.68
N GLY B 127 11.60 -27.14 -18.23
CA GLY B 127 11.70 -28.55 -18.55
C GLY B 127 11.44 -29.39 -17.31
N SER B 128 10.90 -30.59 -17.51
CA SER B 128 10.58 -31.47 -16.40
C SER B 128 11.83 -31.95 -15.65
N GLY B 129 11.64 -32.47 -14.44
CA GLY B 129 12.74 -32.98 -13.63
C GLY B 129 13.32 -31.91 -12.73
N SER B 130 13.81 -32.33 -11.57
CA SER B 130 14.45 -31.41 -10.63
C SER B 130 15.84 -31.02 -11.11
N LEU B 131 16.14 -29.72 -10.95
CA LEU B 131 17.46 -29.16 -11.24
C LEU B 131 18.49 -29.58 -10.20
N LEU B 132 18.11 -29.48 -8.93
CA LEU B 132 18.96 -29.81 -7.78
C LEU B 132 18.52 -31.10 -7.10
N SER B 133 19.41 -31.68 -6.30
CA SER B 133 19.05 -32.77 -5.40
C SER B 133 18.15 -32.22 -4.29
N PRO B 134 17.40 -33.10 -3.59
CA PRO B 134 16.50 -32.65 -2.51
C PRO B 134 17.21 -31.81 -1.44
N ASN B 135 18.51 -31.98 -1.29
CA ASN B 135 19.31 -31.20 -0.34
C ASN B 135 19.88 -29.92 -0.93
N GLY B 136 19.56 -29.66 -2.19
CA GLY B 136 20.02 -28.48 -2.89
C GLY B 136 19.14 -27.26 -2.72
N SER B 137 19.78 -26.09 -2.76
CA SER B 137 19.06 -24.83 -2.74
C SER B 137 19.82 -23.80 -3.56
N ILE B 138 19.07 -22.83 -4.08
CA ILE B 138 19.64 -21.66 -4.72
C ILE B 138 19.00 -20.42 -4.14
N THR B 139 19.84 -19.41 -3.89
CA THR B 139 19.34 -18.10 -3.51
C THR B 139 19.92 -17.09 -4.51
N PHE B 140 19.07 -16.24 -5.06
CA PHE B 140 19.48 -15.34 -6.13
C PHE B 140 18.80 -13.99 -6.07
N ASP B 141 19.33 -13.02 -6.81
CA ASP B 141 18.86 -11.65 -6.74
C ASP B 141 19.21 -10.92 -8.04
N ASP B 142 18.20 -10.36 -8.70
CA ASP B 142 18.42 -9.60 -9.94
C ASP B 142 19.10 -8.23 -9.75
N ARG B 143 19.14 -7.74 -8.51
CA ARG B 143 19.76 -6.44 -8.19
C ARG B 143 21.27 -6.52 -8.29
N SER B 144 21.86 -7.32 -7.40
CA SER B 144 23.29 -7.60 -7.42
C SER B 144 23.61 -8.61 -8.50
N ASN B 145 22.56 -9.22 -9.03
CA ASN B 145 22.65 -10.23 -10.08
C ASN B 145 23.59 -11.40 -9.73
N LEU B 146 23.49 -11.84 -8.47
CA LEU B 146 24.26 -12.95 -7.95
C LEU B 146 23.40 -14.20 -7.91
N LEU B 147 24.04 -15.36 -8.02
CA LEU B 147 23.41 -16.66 -7.77
C LEU B 147 24.27 -17.40 -6.76
N LEU B 148 23.63 -17.89 -5.70
CA LEU B 148 24.31 -18.67 -4.67
C LEU B 148 23.73 -20.07 -4.66
N ILE B 149 24.56 -21.08 -4.90
CA ILE B 149 24.10 -22.46 -4.95
C ILE B 149 24.71 -23.35 -3.87
N GLN B 150 23.88 -24.18 -3.26
CA GLN B 150 24.34 -25.16 -2.29
C GLN B 150 23.77 -26.54 -2.60
N ASP B 151 24.65 -27.49 -2.90
CA ASP B 151 24.22 -28.86 -3.20
C ASP B 151 25.41 -29.82 -3.11
N GLU B 152 25.15 -31.11 -3.34
CA GLU B 152 26.20 -32.11 -3.51
C GLU B 152 27.23 -31.60 -4.52
N PRO B 153 28.52 -31.97 -4.34
CA PRO B 153 29.58 -31.33 -5.14
C PRO B 153 29.43 -31.44 -6.68
N ARG B 154 29.03 -32.60 -7.17
CA ARG B 154 28.87 -32.77 -8.63
C ARG B 154 27.74 -31.89 -9.18
N SER B 155 26.66 -31.77 -8.41
CA SER B 155 25.55 -30.88 -8.74
C SER B 155 26.01 -29.42 -8.85
N VAL B 156 26.73 -28.92 -7.83
CA VAL B 156 27.24 -27.56 -7.86
C VAL B 156 28.08 -27.34 -9.12
N ARG B 157 28.99 -28.28 -9.38
CA ARG B 157 29.92 -28.23 -10.51
C ARG B 157 29.23 -28.05 -11.87
N ASN B 158 28.28 -28.92 -12.18
CA ASN B 158 27.60 -28.90 -13.48
C ASN B 158 26.63 -27.74 -13.67
N ILE B 159 26.01 -27.28 -12.59
CA ILE B 159 25.09 -26.16 -12.66
C ILE B 159 25.88 -24.87 -12.82
N LYS B 160 27.00 -24.77 -12.10
CA LYS B 160 27.94 -23.67 -12.28
C LYS B 160 28.39 -23.61 -13.74
N LYS B 161 28.65 -24.77 -14.34
CA LYS B 161 29.01 -24.82 -15.75
C LYS B 161 27.84 -24.39 -16.63
N LEU B 162 26.65 -24.89 -16.34
CA LEU B 162 25.45 -24.53 -17.11
C LEU B 162 25.15 -23.02 -17.03
N ILE B 163 25.32 -22.44 -15.84
CA ILE B 163 25.06 -21.02 -15.63
C ILE B 163 26.01 -20.15 -16.44
N LYS B 164 27.28 -20.56 -16.48
CA LYS B 164 28.30 -19.83 -17.22
C LYS B 164 28.10 -19.87 -18.74
N GLU B 165 27.46 -20.93 -19.23
CA GLU B 165 27.08 -21.00 -20.65
C GLU B 165 25.91 -20.09 -20.95
N LEU B 166 25.00 -19.97 -20.00
CA LEU B 166 23.79 -19.15 -20.17
C LEU B 166 24.09 -17.67 -19.97
N ASP B 167 25.22 -17.37 -19.35
CA ASP B 167 25.60 -16.01 -19.01
C ASP B 167 26.31 -15.29 -20.18
N LYS B 168 25.62 -15.18 -21.31
CA LYS B 168 26.11 -14.41 -22.47
C LYS B 168 24.98 -14.04 -23.42
C1 GOL C . -23.76 31.50 14.65
O1 GOL C . -23.20 32.57 15.39
C2 GOL C . -25.28 31.64 14.55
O2 GOL C . -25.75 30.57 13.77
C3 GOL C . -25.98 31.65 15.92
O3 GOL C . -27.19 30.91 15.89
C FMT D . -0.44 -14.70 -9.10
O1 FMT D . -1.01 -14.23 -10.09
O2 FMT D . -0.74 -14.46 -7.93
C1 GOL E . -0.92 0.84 -4.10
O1 GOL E . -0.71 0.57 -2.73
C2 GOL E . 0.33 0.52 -4.91
O2 GOL E . 0.18 0.98 -6.24
C3 GOL E . 1.58 1.12 -4.27
O3 GOL E . 2.56 1.44 -5.23
#